data_6X7M
#
_entry.id   6X7M
#
_cell.length_a   61.550
_cell.length_b   61.550
_cell.length_c   308.805
_cell.angle_alpha   90.000
_cell.angle_beta   90.000
_cell.angle_gamma   120.000
#
_symmetry.space_group_name_H-M   'P 61 2 2'
#
loop_
_entity.id
_entity.type
_entity.pdbx_description
1 polymer 'Bifunctional methylmalonyl-CoA:ACP acyltransferase/decarboxylase'
2 non-polymer [1-[2-[3-[[(2~{R})-4-[[[(2~{R},3~{S},4~{R},5~{R})-5-(6-aminopurin-9-yl)-4-oxidanyl-3-phosphonooxy-oxolan-2-yl]methoxy-oxidanyl-phosphoryl]oxy-oxidanyl-phosphoryl]oxy-3,3-dimethyl-2-oxidanyl-butanoyl]amino]propanoylamino]ethoxy]-1-oxidanylidene-propan-2-ylidene]-bis(oxidanidyl)azanium
3 non-polymer 'SULFATE ION'
4 non-polymer DI(HYDROXYETHYL)ETHER
5 non-polymer 'TRIETHYLENE GLYCOL'
6 water water
#
_entity_poly.entity_id   1
_entity_poly.type   'polypeptide(L)'
_entity_poly.pdbx_seq_one_letter_code
;STITSSLDVRPEIKQAVTVRPGMCGPGSLFVGQLGDWTWETVSAQCDTDVFAARDASGNPTYLAFYYFRVRGGRELHPGS
LTFGDRLTVTSGCYDQGTESVLTLHRIDRAGSDDAQRPLDLHEFYERPRDGSLYVENFNRWVTRSAPGSNEDLVKSSPPG
FRNDGLPQLPAAYSPRAVYREARTAHTFRALDEPGFRLLPDTVEVEHPVDIVRDVNGVGLLYFASYFSMVDKAALALWRR
LGRSDRAFLRRVVVDQQMCYLGNADLDSVLTLGARVRVSTETPGEELVDVVISDRDSGRVIAVSTLHTQHDAHDPKGEA
;
_entity_poly.pdbx_strand_id   A
#
loop_
_chem_comp.id
_chem_comp.type
_chem_comp.name
_chem_comp.formula
KGA non-polymer [1-[2-[3-[[(2~{R})-4-[[[(2~{R},3~{S},4~{R},5~{R})-5-(6-aminopurin-9-yl)-4-oxidanyl-3-phosphonooxy-oxolan-2-yl]methoxy-oxidanyl-phosphoryl]oxy-oxidanyl-phosphoryl]oxy-3,3-dimethyl-2-oxidanyl-butanoyl]amino]propanoylamino]ethoxy]-1-oxidanylidene-propan-2-ylidene]-bis(oxidanidyl)azanium 'C24 H38 N8 O20 P3 -1'
PEG non-polymer DI(HYDROXYETHYL)ETHER 'C4 H10 O3'
PGE non-polymer 'TRIETHYLENE GLYCOL' 'C6 H14 O4'
SO4 non-polymer 'SULFATE ION' 'O4 S -2'
#
# COMPACT_ATOMS: atom_id res chain seq x y z
N PRO A 11 15.93 16.23 -7.49
CA PRO A 11 14.88 17.23 -7.24
C PRO A 11 13.57 16.62 -6.69
N GLU A 12 13.50 16.37 -5.37
CA GLU A 12 12.26 15.94 -4.65
C GLU A 12 11.14 16.92 -4.99
N ILE A 13 9.89 16.48 -4.86
CA ILE A 13 8.70 17.32 -5.18
C ILE A 13 7.98 17.64 -3.88
N LYS A 14 7.63 18.91 -3.62
CA LYS A 14 6.91 19.25 -2.36
C LYS A 14 5.65 20.02 -2.75
N GLN A 15 4.47 19.55 -2.34
CA GLN A 15 3.17 20.13 -2.82
C GLN A 15 2.17 20.28 -1.68
N ALA A 16 1.33 21.30 -1.78
CA ALA A 16 0.21 21.56 -0.87
C ALA A 16 -1.01 20.79 -1.40
N VAL A 17 -1.65 20.07 -0.51
CA VAL A 17 -2.85 19.25 -0.83
C VAL A 17 -3.94 19.61 0.17
N THR A 18 -5.17 19.80 -0.32
CA THR A 18 -6.36 19.86 0.54
C THR A 18 -7.18 18.58 0.36
N VAL A 19 -7.47 17.91 1.45
CA VAL A 19 -8.15 16.57 1.42
C VAL A 19 -9.54 16.72 0.80
N ARG A 20 -9.75 15.92 -0.23
CA ARG A 20 -10.96 15.90 -1.09
CA ARG A 20 -10.99 15.94 -1.02
C ARG A 20 -11.77 14.65 -0.76
N PRO A 21 -13.06 14.62 -1.13
CA PRO A 21 -13.85 13.39 -0.97
C PRO A 21 -13.25 12.13 -1.63
N GLY A 22 -12.51 12.28 -2.73
CA GLY A 22 -11.93 11.14 -3.46
C GLY A 22 -10.65 10.57 -2.88
N MET A 23 -10.21 10.99 -1.67
CA MET A 23 -8.90 10.54 -1.12
C MET A 23 -8.99 10.35 0.41
N CYS A 24 -10.16 10.12 0.96
CA CYS A 24 -10.26 9.80 2.40
C CYS A 24 -11.46 8.94 2.76
N GLY A 25 -11.66 8.67 4.06
CA GLY A 25 -12.77 7.78 4.44
C GLY A 25 -12.29 6.39 4.78
N PRO A 26 -13.23 5.55 5.26
CA PRO A 26 -12.88 4.22 5.76
C PRO A 26 -12.63 3.16 4.67
N GLY A 27 -12.79 3.53 3.40
CA GLY A 27 -12.47 2.66 2.26
C GLY A 27 -11.07 2.88 1.73
N SER A 28 -10.90 2.61 0.43
CA SER A 28 -9.58 2.51 -0.19
C SER A 28 -9.28 3.78 -0.97
N LEU A 29 -10.03 4.88 -0.75
CA LEU A 29 -9.84 6.07 -1.62
C LEU A 29 -8.48 6.74 -1.40
N PHE A 30 -8.01 6.78 -0.15
CA PHE A 30 -6.68 7.38 0.10
C PHE A 30 -5.58 6.58 -0.58
N VAL A 31 -5.59 5.24 -0.47
CA VAL A 31 -4.52 4.49 -1.17
CA VAL A 31 -4.66 4.35 -1.18
C VAL A 31 -4.74 4.67 -2.68
N GLY A 32 -5.96 4.76 -3.19
CA GLY A 32 -6.13 5.00 -4.65
C GLY A 32 -5.45 6.31 -5.07
N GLN A 33 -5.63 7.37 -4.27
CA GLN A 33 -5.08 8.71 -4.60
C GLN A 33 -3.56 8.65 -4.51
N LEU A 34 -3.02 8.00 -3.48
CA LEU A 34 -1.56 7.83 -3.33
C LEU A 34 -0.98 7.15 -4.57
N GLY A 35 -1.63 6.13 -5.14
CA GLY A 35 -1.12 5.43 -6.33
C GLY A 35 -1.09 6.34 -7.53
N ASP A 36 -2.13 7.14 -7.69
CA ASP A 36 -2.10 8.17 -8.79
C ASP A 36 -0.88 9.06 -8.58
N TRP A 37 -0.66 9.54 -7.38
CA TRP A 37 0.50 10.42 -7.08
C TRP A 37 1.82 9.69 -7.42
N THR A 38 1.92 8.40 -7.11
CA THR A 38 3.12 7.63 -7.43
C THR A 38 3.37 7.66 -8.94
N TRP A 39 2.35 7.38 -9.75
CA TRP A 39 2.51 7.37 -11.22
C TRP A 39 2.93 8.77 -11.68
N GLU A 40 2.41 9.84 -11.08
CA GLU A 40 2.81 11.21 -11.50
CA GLU A 40 2.80 11.23 -11.46
C GLU A 40 4.27 11.42 -11.10
N THR A 41 4.69 10.91 -9.93
CA THR A 41 6.06 11.15 -9.41
C THR A 41 7.10 10.42 -10.26
N VAL A 42 6.88 9.15 -10.55
CA VAL A 42 7.76 8.38 -11.47
C VAL A 42 7.78 9.05 -12.85
N SER A 43 6.66 9.54 -13.33
CA SER A 43 6.62 10.18 -14.67
C SER A 43 7.57 11.37 -14.65
N ALA A 44 7.49 12.19 -13.60
CA ALA A 44 8.27 13.45 -13.49
C ALA A 44 9.75 13.11 -13.32
N GLN A 45 10.09 12.14 -12.48
CA GLN A 45 11.52 11.90 -12.10
C GLN A 45 12.24 10.96 -13.08
N CYS A 46 11.53 10.17 -13.87
CA CYS A 46 12.11 9.09 -14.73
C CYS A 46 11.88 9.39 -16.22
N ASP A 47 11.45 10.64 -16.50
CA ASP A 47 11.32 11.18 -17.87
C ASP A 47 10.55 10.20 -18.75
N THR A 48 9.41 9.69 -18.24
CA THR A 48 8.64 8.62 -18.88
C THR A 48 7.15 8.90 -18.66
N ASP A 49 6.31 8.77 -19.68
CA ASP A 49 4.84 8.92 -19.47
C ASP A 49 4.35 7.54 -18.98
N VAL A 50 4.28 7.38 -17.65
CA VAL A 50 3.88 6.08 -17.05
C VAL A 50 2.46 5.69 -17.47
N PHE A 51 1.57 6.69 -17.61
CA PHE A 51 0.13 6.43 -17.85
C PHE A 51 -0.07 5.72 -19.17
N ALA A 52 0.72 6.08 -20.19
CA ALA A 52 0.60 5.51 -21.55
C ALA A 52 1.81 4.65 -21.93
N ALA A 53 2.51 4.09 -20.97
CA ALA A 53 3.79 3.37 -21.24
C ALA A 53 3.56 2.13 -22.10
N ARG A 54 4.51 1.91 -23.04
CA ARG A 54 4.56 0.69 -23.87
C ARG A 54 5.98 0.14 -23.86
N ASP A 55 6.09 -1.18 -23.97
CA ASP A 55 7.43 -1.86 -24.01
C ASP A 55 8.00 -1.61 -25.41
N ALA A 56 9.25 -2.00 -25.63
CA ALA A 56 9.99 -1.71 -26.87
C ALA A 56 9.21 -2.30 -28.03
N SER A 57 8.46 -3.39 -27.77
CA SER A 57 7.75 -4.16 -28.82
C SER A 57 6.39 -3.54 -29.13
N GLY A 58 5.84 -2.67 -28.26
CA GLY A 58 4.57 -1.97 -28.51
C GLY A 58 3.40 -2.42 -27.61
N ASN A 59 3.61 -3.37 -26.71
CA ASN A 59 2.53 -3.85 -25.81
C ASN A 59 2.40 -2.81 -24.70
N PRO A 60 1.20 -2.54 -24.16
CA PRO A 60 1.10 -1.70 -22.97
C PRO A 60 1.88 -2.32 -21.82
N THR A 61 2.57 -1.48 -21.04
CA THR A 61 3.28 -1.94 -19.83
C THR A 61 2.76 -1.12 -18.66
N TYR A 62 2.35 -1.82 -17.60
CA TYR A 62 1.74 -1.16 -16.43
C TYR A 62 2.79 -1.13 -15.34
N LEU A 63 2.90 -0.01 -14.64
CA LEU A 63 3.82 0.13 -13.49
C LEU A 63 3.12 -0.40 -12.24
N ALA A 64 3.03 -1.71 -12.16
CA ALA A 64 2.12 -2.41 -11.22
C ALA A 64 2.62 -2.21 -9.80
N PHE A 65 1.66 -2.04 -8.88
CA PHE A 65 1.94 -2.01 -7.43
C PHE A 65 2.37 -3.39 -7.03
N TYR A 66 3.44 -3.50 -6.25
CA TYR A 66 3.95 -4.82 -5.80
C TYR A 66 4.08 -4.84 -4.27
N TYR A 67 4.66 -3.80 -3.69
CA TYR A 67 4.76 -3.67 -2.21
C TYR A 67 4.35 -2.24 -1.85
N PHE A 68 3.46 -2.14 -0.89
CA PHE A 68 2.78 -0.89 -0.48
C PHE A 68 2.78 -0.83 1.04
N ARG A 69 3.35 0.23 1.60
CA ARG A 69 3.31 0.41 3.06
C ARG A 69 2.75 1.79 3.38
N VAL A 70 1.89 1.90 4.37
CA VAL A 70 1.40 3.16 4.92
C VAL A 70 1.65 3.14 6.43
N ARG A 71 2.50 4.05 6.92
CA ARG A 71 2.86 4.11 8.37
CA ARG A 71 2.78 4.08 8.39
C ARG A 71 2.39 5.45 8.93
N GLY A 72 1.64 5.41 10.02
CA GLY A 72 1.11 6.59 10.70
C GLY A 72 1.22 6.34 12.19
N GLY A 73 0.27 6.85 12.94
CA GLY A 73 0.26 6.81 14.41
C GLY A 73 -1.01 7.46 14.87
N ARG A 74 -1.31 7.35 16.16
CA ARG A 74 -2.50 7.99 16.77
C ARG A 74 -2.61 9.45 16.31
N GLU A 75 -1.50 10.19 16.19
CA GLU A 75 -1.55 11.66 15.92
C GLU A 75 -1.95 11.96 14.46
N LEU A 76 -1.55 11.13 13.50
CA LEU A 76 -1.96 11.30 12.08
C LEU A 76 -1.94 9.92 11.42
N HIS A 77 -3.10 9.39 11.08
CA HIS A 77 -3.22 8.12 10.33
C HIS A 77 -4.26 8.30 9.24
N PRO A 78 -4.45 7.34 8.32
CA PRO A 78 -5.38 7.57 7.24
C PRO A 78 -6.83 7.85 7.66
N GLY A 79 -7.26 7.33 8.80
CA GLY A 79 -8.58 7.56 9.36
C GLY A 79 -8.73 8.92 10.04
N SER A 80 -7.65 9.67 10.20
CA SER A 80 -7.61 11.08 10.74
CA SER A 80 -7.79 11.04 10.78
C SER A 80 -8.14 12.05 9.68
N LEU A 81 -8.02 11.67 8.41
CA LEU A 81 -8.14 12.66 7.32
C LEU A 81 -9.63 12.92 7.04
N THR A 82 -9.99 14.21 6.95
CA THR A 82 -11.38 14.62 6.60
C THR A 82 -11.33 15.77 5.63
N PHE A 83 -12.47 16.00 4.99
CA PHE A 83 -12.63 17.02 3.94
C PHE A 83 -12.03 18.35 4.42
N GLY A 84 -11.14 18.93 3.62
CA GLY A 84 -10.60 20.29 3.86
C GLY A 84 -9.36 20.29 4.74
N ASP A 85 -8.92 19.16 5.26
CA ASP A 85 -7.60 19.12 5.95
C ASP A 85 -6.50 19.60 5.01
N ARG A 86 -5.60 20.48 5.51
CA ARG A 86 -4.47 21.02 4.70
C ARG A 86 -3.23 20.19 5.03
N LEU A 87 -2.66 19.62 3.98
CA LEU A 87 -1.48 18.74 4.07
C LEU A 87 -0.31 19.30 3.25
N THR A 88 0.92 18.92 3.64
CA THR A 88 2.13 19.06 2.80
CA THR A 88 2.10 19.05 2.75
C THR A 88 2.57 17.66 2.42
N VAL A 89 2.85 17.47 1.16
CA VAL A 89 3.28 16.16 0.63
C VAL A 89 4.66 16.34 0.01
N THR A 90 5.60 15.49 0.42
CA THR A 90 6.97 15.44 -0.13
C THR A 90 7.15 14.09 -0.80
N SER A 91 7.49 14.08 -2.08
CA SER A 91 7.51 12.85 -2.92
C SER A 91 8.85 12.69 -3.62
N GLY A 92 9.31 11.44 -3.79
CA GLY A 92 10.57 11.17 -4.50
C GLY A 92 10.78 9.70 -4.80
N CYS A 93 11.50 9.43 -5.88
CA CYS A 93 11.81 8.09 -6.36
C CYS A 93 13.24 7.68 -6.02
N TYR A 94 13.40 6.37 -5.86
CA TYR A 94 14.69 5.71 -5.54
C TYR A 94 14.95 4.62 -6.56
N ASP A 95 16.20 4.52 -6.96
CA ASP A 95 16.63 3.59 -8.01
C ASP A 95 16.50 2.14 -7.55
N GLN A 96 15.77 1.33 -8.30
CA GLN A 96 15.67 -0.13 -8.10
C GLN A 96 15.95 -0.83 -9.42
N GLY A 97 16.62 -0.12 -10.33
CA GLY A 97 17.01 -0.67 -11.63
C GLY A 97 16.04 -0.29 -12.73
N THR A 98 16.04 -1.03 -13.83
CA THR A 98 15.17 -0.69 -14.99
C THR A 98 13.80 -1.35 -14.88
N GLU A 99 13.58 -2.35 -14.02
CA GLU A 99 12.33 -3.15 -14.06
C GLU A 99 11.40 -2.76 -12.91
N SER A 100 11.89 -2.02 -11.94
CA SER A 100 11.19 -1.65 -10.69
C SER A 100 11.61 -0.24 -10.30
N VAL A 101 10.81 0.38 -9.44
CA VAL A 101 11.15 1.70 -8.85
C VAL A 101 10.42 1.87 -7.55
N LEU A 102 11.10 2.48 -6.60
CA LEU A 102 10.53 2.77 -5.28
C LEU A 102 10.16 4.25 -5.23
N THR A 103 8.94 4.55 -4.81
CA THR A 103 8.45 5.94 -4.64
C THR A 103 8.03 6.15 -3.18
N LEU A 104 8.55 7.21 -2.56
CA LEU A 104 8.22 7.57 -1.18
C LEU A 104 7.39 8.84 -1.22
N HIS A 105 6.42 8.88 -0.30
CA HIS A 105 5.62 10.09 0.00
C HIS A 105 5.62 10.29 1.50
N ARG A 106 5.99 11.50 1.96
CA ARG A 106 5.74 11.92 3.34
C ARG A 106 4.62 12.97 3.37
N ILE A 107 3.70 12.77 4.27
CA ILE A 107 2.53 13.65 4.45
C ILE A 107 2.61 14.24 5.85
N ASP A 108 2.60 15.54 5.92
CA ASP A 108 2.49 16.28 7.20
C ASP A 108 1.27 17.20 7.15
N ARG A 109 0.77 17.57 8.32
CA ARG A 109 -0.23 18.66 8.41
CA ARG A 109 -0.21 18.67 8.46
C ARG A 109 0.49 19.96 8.03
N ALA A 110 -0.13 20.82 7.22
N ALA A 110 -0.19 20.72 7.18
CA ALA A 110 0.58 21.91 6.50
CA ALA A 110 0.16 22.08 6.74
C ALA A 110 1.14 22.96 7.49
C ALA A 110 0.49 22.88 8.01
N GLY A 111 0.52 23.12 8.66
N GLY A 111 1.63 23.57 7.99
CA GLY A 111 1.03 24.04 9.71
CA GLY A 111 2.11 24.41 9.10
C GLY A 111 2.41 23.64 10.23
C GLY A 111 2.35 23.63 10.39
N SER A 112 2.64 22.32 10.32
CA SER A 112 3.43 21.61 11.36
CA SER A 112 3.40 21.65 11.41
C SER A 112 4.88 22.10 11.34
N ASP A 113 5.53 22.06 12.50
CA ASP A 113 6.98 22.32 12.62
C ASP A 113 7.69 21.40 11.63
N ASP A 114 8.45 21.98 10.72
CA ASP A 114 9.46 21.25 9.93
C ASP A 114 8.78 20.42 8.83
N ALA A 115 7.62 20.86 8.32
N ALA A 115 7.62 20.86 8.32
CA ALA A 115 6.94 20.25 7.15
CA ALA A 115 6.94 20.25 7.15
C ALA A 115 7.82 20.46 5.92
C ALA A 115 7.83 20.46 5.91
N GLN A 116 8.70 21.46 5.94
CA GLN A 116 9.59 21.80 4.79
C GLN A 116 10.76 20.80 4.71
N ARG A 117 11.02 19.99 5.74
CA ARG A 117 12.18 19.06 5.73
C ARG A 117 12.13 18.10 4.53
N PRO A 118 13.29 17.77 3.91
CA PRO A 118 13.32 16.81 2.82
C PRO A 118 13.08 15.37 3.30
N LEU A 119 12.87 14.48 2.32
CA LEU A 119 12.77 13.03 2.59
C LEU A 119 14.03 12.57 3.33
N ASP A 120 13.83 11.74 4.33
CA ASP A 120 14.91 11.21 5.19
C ASP A 120 14.66 9.72 5.37
N LEU A 121 15.49 8.89 4.74
CA LEU A 121 15.31 7.42 4.74
C LEU A 121 15.37 6.91 6.18
N HIS A 122 16.33 7.46 6.93
CA HIS A 122 16.58 7.21 8.38
C HIS A 122 15.23 7.39 9.04
N GLU A 123 14.66 8.56 8.75
CA GLU A 123 13.33 8.89 9.28
C GLU A 123 12.31 7.84 8.82
N PHE A 124 12.20 7.38 7.54
CA PHE A 124 11.18 6.40 7.05
C PHE A 124 11.33 4.93 7.50
N TYR A 125 12.55 4.40 7.68
CA TYR A 125 12.82 2.92 7.75
C TYR A 125 13.09 2.46 9.19
N GLU A 126 13.49 3.41 10.03
CA GLU A 126 14.06 3.24 11.40
C GLU A 126 13.08 3.86 12.41
N ARG A 127 12.99 5.20 12.52
CA ARG A 127 12.02 5.89 13.44
C ARG A 127 11.12 6.91 12.71
N PRO A 128 9.95 6.43 12.25
CA PRO A 128 8.88 7.31 11.77
C PRO A 128 8.51 8.28 12.91
N ARG A 129 8.22 9.54 12.62
CA ARG A 129 7.82 10.54 13.64
C ARG A 129 6.31 10.53 13.84
N ASP A 130 5.85 10.75 15.08
CA ASP A 130 4.39 10.92 15.28
CA ASP A 130 4.42 11.01 15.41
C ASP A 130 3.98 12.24 14.63
N GLY A 131 2.82 12.18 13.95
CA GLY A 131 2.26 13.31 13.24
C GLY A 131 2.62 13.37 11.77
N SER A 132 3.48 12.48 11.31
CA SER A 132 3.72 12.34 9.85
C SER A 132 3.17 10.97 9.38
N LEU A 133 2.75 10.94 8.12
CA LEU A 133 2.33 9.69 7.46
CA LEU A 133 2.32 9.69 7.44
C LEU A 133 3.36 9.33 6.40
N TYR A 134 3.78 8.10 6.34
CA TYR A 134 4.87 7.64 5.46
C TYR A 134 4.32 6.61 4.49
N VAL A 135 4.49 6.87 3.20
CA VAL A 135 4.01 5.91 2.18
C VAL A 135 5.19 5.43 1.37
N GLU A 136 5.25 4.10 1.21
CA GLU A 136 6.25 3.44 0.35
CA GLU A 136 6.25 3.41 0.38
C GLU A 136 5.52 2.68 -0.74
N ASN A 137 5.84 2.97 -1.98
CA ASN A 137 5.26 2.21 -3.12
C ASN A 137 6.42 1.62 -3.94
N PHE A 138 6.55 0.31 -3.91
CA PHE A 138 7.50 -0.41 -4.78
C PHE A 138 6.70 -0.99 -5.96
N ASN A 139 7.03 -0.54 -7.15
CA ASN A 139 6.24 -0.85 -8.37
C ASN A 139 7.13 -1.57 -9.40
N ARG A 140 6.54 -2.48 -10.14
CA ARG A 140 7.29 -3.32 -11.13
C ARG A 140 6.57 -3.20 -12.47
N TRP A 141 7.31 -2.87 -13.52
CA TRP A 141 6.75 -2.88 -14.90
C TRP A 141 6.35 -4.27 -15.30
N VAL A 142 5.13 -4.45 -15.78
CA VAL A 142 4.64 -5.75 -16.27
C VAL A 142 3.88 -5.57 -17.58
N THR A 143 3.77 -6.66 -18.35
CA THR A 143 2.81 -6.78 -19.46
C THR A 143 2.00 -8.04 -19.24
N ARG A 144 0.89 -8.15 -19.96
CA ARG A 144 0.13 -9.40 -20.07
C ARG A 144 0.96 -10.41 -20.88
N SER A 145 0.78 -11.69 -20.59
CA SER A 145 1.42 -12.81 -21.32
C SER A 145 0.45 -13.31 -22.41
N ALA A 146 -0.85 -13.08 -22.26
CA ALA A 146 -1.88 -13.31 -23.31
C ALA A 146 -2.94 -12.23 -23.18
N PRO A 147 -3.52 -11.71 -24.28
CA PRO A 147 -4.55 -10.67 -24.20
C PRO A 147 -5.75 -11.19 -23.40
N GLY A 148 -6.32 -10.35 -22.54
CA GLY A 148 -7.47 -10.80 -21.71
C GLY A 148 -7.13 -11.76 -20.57
N SER A 149 -5.89 -12.27 -20.44
CA SER A 149 -5.46 -13.08 -19.27
C SER A 149 -4.89 -12.12 -18.22
N ASN A 150 -5.20 -12.34 -16.96
CA ASN A 150 -4.62 -11.52 -15.85
C ASN A 150 -3.65 -12.36 -15.03
N GLU A 151 -3.32 -13.55 -15.54
CA GLU A 151 -2.37 -14.48 -14.88
C GLU A 151 -1.01 -14.46 -15.60
N ASP A 152 0.06 -14.75 -14.88
CA ASP A 152 1.38 -14.99 -15.49
C ASP A 152 1.78 -13.72 -16.21
N LEU A 153 1.70 -12.59 -15.50
CA LEU A 153 2.21 -11.32 -16.04
C LEU A 153 3.75 -11.43 -16.13
N VAL A 154 4.29 -10.70 -17.08
CA VAL A 154 5.72 -10.75 -17.52
C VAL A 154 6.41 -9.44 -17.17
N LYS A 155 7.63 -9.53 -16.65
CA LYS A 155 8.42 -8.32 -16.32
C LYS A 155 8.72 -7.55 -17.60
N SER A 156 8.83 -6.23 -17.47
CA SER A 156 9.03 -5.33 -18.61
C SER A 156 9.80 -4.09 -18.16
N SER A 157 9.81 -3.11 -19.04
CA SER A 157 10.47 -1.81 -18.84
C SER A 157 10.18 -1.07 -20.14
N PRO A 158 9.61 0.15 -20.07
CA PRO A 158 9.47 0.96 -21.28
C PRO A 158 10.79 1.60 -21.71
N PRO A 159 11.06 1.67 -23.03
CA PRO A 159 12.26 2.36 -23.50
C PRO A 159 12.33 3.78 -22.96
N GLY A 160 13.54 4.25 -22.61
CA GLY A 160 13.79 5.63 -22.12
C GLY A 160 13.45 5.79 -20.64
N PHE A 161 13.13 4.71 -19.93
CA PHE A 161 12.87 4.80 -18.49
C PHE A 161 14.18 5.24 -17.85
N ARG A 162 14.23 6.40 -17.22
CA ARG A 162 15.47 6.96 -16.62
C ARG A 162 15.49 6.72 -15.11
N ASN A 163 16.02 5.56 -14.71
CA ASN A 163 16.33 5.26 -13.27
C ASN A 163 17.70 5.83 -12.88
N ASP A 164 18.58 5.99 -13.88
N ASP A 164 18.57 6.14 -13.85
CA ASP A 164 19.94 6.55 -13.72
CA ASP A 164 19.99 6.49 -13.59
C ASP A 164 19.79 7.97 -13.19
C ASP A 164 20.09 7.73 -12.70
N GLY A 165 20.58 8.31 -12.17
N GLY A 165 19.18 8.71 -12.88
CA GLY A 165 20.50 9.58 -11.44
CA GLY A 165 19.21 10.01 -12.18
C GLY A 165 19.67 9.46 -10.18
C GLY A 165 18.83 9.89 -10.71
N LEU A 166 18.66 8.59 -10.16
N LEU A 166 18.33 8.74 -10.26
CA LEU A 166 17.80 8.54 -8.96
CA LEU A 166 17.68 8.61 -8.92
C LEU A 166 18.68 8.22 -7.76
C LEU A 166 18.67 8.31 -7.80
N PRO A 167 18.38 8.79 -6.57
CA PRO A 167 19.15 8.43 -5.39
C PRO A 167 19.03 6.93 -5.06
N GLN A 168 20.00 6.35 -4.34
CA GLN A 168 19.98 4.90 -4.06
C GLN A 168 19.64 4.66 -2.58
N LEU A 169 19.10 3.49 -2.29
CA LEU A 169 18.82 3.07 -0.91
C LEU A 169 20.10 2.46 -0.43
N PRO A 170 20.44 2.57 0.87
CA PRO A 170 21.45 1.68 1.43
C PRO A 170 20.89 0.27 1.59
N ALA A 171 21.77 -0.72 1.67
CA ALA A 171 21.39 -2.15 1.78
C ALA A 171 20.39 -2.39 2.91
N ALA A 172 20.51 -1.70 4.05
CA ALA A 172 19.70 -1.96 5.23
C ALA A 172 18.19 -1.80 4.94
N TYR A 173 17.93 -0.78 4.11
N TYR A 173 17.80 -0.99 3.96
CA TYR A 173 16.59 -0.33 3.63
CA TYR A 173 16.40 -0.49 3.87
C TYR A 173 16.37 -1.10 2.31
C TYR A 173 15.60 -1.12 2.72
N SER A 174 15.96 -2.34 2.39
CA SER A 174 15.56 -3.09 1.17
C SER A 174 14.12 -3.51 1.31
N PRO A 175 13.18 -2.96 0.49
CA PRO A 175 11.83 -3.51 0.46
C PRO A 175 11.87 -4.94 -0.07
N ARG A 176 12.86 -5.32 -0.86
CA ARG A 176 12.96 -6.69 -1.39
C ARG A 176 13.10 -7.69 -0.23
N ALA A 177 13.96 -7.43 0.74
CA ALA A 177 14.12 -8.35 1.90
C ALA A 177 12.77 -8.49 2.61
N VAL A 178 12.05 -7.38 2.76
CA VAL A 178 10.76 -7.33 3.47
C VAL A 178 9.71 -8.15 2.74
N TYR A 179 9.52 -7.94 1.43
CA TYR A 179 8.43 -8.68 0.76
C TYR A 179 8.79 -10.16 0.57
N ARG A 180 10.07 -10.50 0.43
CA ARG A 180 10.53 -11.92 0.27
C ARG A 180 10.09 -12.68 1.53
N GLU A 181 10.40 -12.14 2.70
CA GLU A 181 9.99 -12.78 3.97
C GLU A 181 8.47 -12.85 4.08
N ALA A 182 7.72 -11.83 3.69
CA ALA A 182 6.25 -11.83 3.85
C ALA A 182 5.59 -12.90 2.97
N ARG A 183 6.09 -13.14 1.75
CA ARG A 183 5.44 -14.17 0.89
C ARG A 183 5.67 -15.54 1.50
N THR A 184 6.78 -15.70 2.20
CA THR A 184 7.12 -16.99 2.87
C THR A 184 6.28 -17.21 4.11
N ALA A 185 6.20 -16.19 4.98
CA ALA A 185 5.56 -16.27 6.30
C ALA A 185 4.07 -16.02 6.29
N HIS A 186 3.52 -15.39 5.23
CA HIS A 186 2.12 -14.90 5.18
C HIS A 186 1.85 -13.92 6.28
N THR A 187 2.85 -13.11 6.59
CA THR A 187 2.74 -11.99 7.53
C THR A 187 3.98 -11.14 7.34
N PHE A 188 3.87 -9.87 7.72
CA PHE A 188 5.00 -8.93 7.73
C PHE A 188 5.57 -8.78 9.15
N ARG A 189 4.97 -9.44 10.14
CA ARG A 189 5.45 -9.38 11.56
C ARG A 189 5.65 -10.84 12.02
N ALA A 190 6.91 -11.27 12.20
CA ALA A 190 7.30 -12.67 12.50
C ALA A 190 6.38 -13.25 13.58
N LEU A 191 5.91 -14.48 13.36
CA LEU A 191 4.94 -15.14 14.26
C LEU A 191 5.56 -15.34 15.64
N ASP A 192 6.89 -15.40 15.71
CA ASP A 192 7.68 -15.60 16.96
C ASP A 192 8.00 -14.25 17.63
N GLU A 193 7.48 -13.13 17.12
CA GLU A 193 7.72 -11.78 17.72
C GLU A 193 7.11 -11.75 19.13
N PRO A 194 7.88 -11.33 20.17
CA PRO A 194 7.37 -11.30 21.53
C PRO A 194 6.33 -10.19 21.74
N GLY A 195 5.41 -10.40 22.67
CA GLY A 195 4.46 -9.37 23.14
C GLY A 195 3.08 -9.51 22.52
N PHE A 196 2.86 -10.59 21.75
CA PHE A 196 1.59 -10.90 21.04
C PHE A 196 1.18 -12.36 21.30
N ARG A 197 -0.11 -12.64 21.32
CA ARG A 197 -0.68 -14.03 21.34
C ARG A 197 -1.58 -14.22 20.12
N LEU A 198 -1.40 -15.32 19.39
CA LEU A 198 -2.26 -15.72 18.26
C LEU A 198 -3.61 -16.25 18.76
N LEU A 199 -4.72 -15.55 18.49
CA LEU A 199 -6.08 -16.03 18.85
C LEU A 199 -6.42 -17.23 17.98
N PRO A 200 -7.31 -18.12 18.48
CA PRO A 200 -7.71 -19.32 17.73
C PRO A 200 -8.70 -18.96 16.62
N ASP A 201 -9.48 -17.88 16.83
CA ASP A 201 -10.52 -17.40 15.89
C ASP A 201 -9.84 -16.91 14.61
N THR A 202 -10.21 -17.51 13.49
CA THR A 202 -9.81 -17.12 12.12
C THR A 202 -11.06 -17.16 11.22
N VAL A 203 -11.04 -16.46 10.09
CA VAL A 203 -12.15 -16.53 9.11
C VAL A 203 -11.57 -16.85 7.75
N GLU A 204 -12.39 -17.43 6.91
CA GLU A 204 -12.16 -17.65 5.47
C GLU A 204 -13.40 -17.19 4.70
N VAL A 205 -13.32 -16.10 3.94
CA VAL A 205 -14.46 -15.52 3.18
C VAL A 205 -14.29 -15.81 1.69
N GLU A 206 -15.34 -16.32 1.04
CA GLU A 206 -15.35 -16.47 -0.43
C GLU A 206 -15.71 -15.10 -1.00
N HIS A 207 -14.90 -14.59 -1.91
CA HIS A 207 -15.10 -13.27 -2.55
C HIS A 207 -15.02 -13.45 -4.06
N PRO A 208 -16.16 -13.58 -4.76
CA PRO A 208 -16.15 -13.49 -6.22
C PRO A 208 -15.61 -12.09 -6.59
N VAL A 209 -14.83 -12.00 -7.65
CA VAL A 209 -14.35 -10.67 -8.13
C VAL A 209 -15.59 -9.83 -8.39
N ASP A 210 -15.60 -8.62 -7.88
CA ASP A 210 -16.75 -7.71 -8.09
C ASP A 210 -16.49 -6.89 -9.34
N ILE A 211 -17.15 -7.20 -10.47
CA ILE A 211 -16.79 -6.58 -11.78
C ILE A 211 -17.18 -5.11 -11.88
N VAL A 212 -18.07 -4.65 -10.98
N VAL A 212 -17.90 -4.53 -10.97
CA VAL A 212 -18.59 -3.24 -10.86
CA VAL A 212 -18.02 -3.05 -11.02
C VAL A 212 -17.81 -2.45 -9.81
C VAL A 212 -16.95 -2.45 -10.10
N ARG A 213 -16.87 -3.05 -9.06
N ARG A 213 -16.89 -2.92 -8.86
CA ARG A 213 -16.13 -2.27 -8.03
CA ARG A 213 -16.09 -2.26 -7.79
C ARG A 213 -14.64 -2.65 -7.89
C ARG A 213 -14.60 -2.64 -7.84
N ASP A 214 -14.20 -3.80 -8.39
CA ASP A 214 -12.82 -4.32 -8.16
C ASP A 214 -11.91 -4.11 -9.41
N VAL A 215 -12.44 -3.65 -10.54
CA VAL A 215 -11.74 -3.76 -11.85
C VAL A 215 -11.24 -2.37 -12.30
N ASN A 216 -10.01 -2.33 -12.81
CA ASN A 216 -9.42 -1.05 -13.25
C ASN A 216 -9.61 -0.83 -14.76
N GLY A 217 -9.18 0.35 -15.22
CA GLY A 217 -9.32 0.82 -16.61
C GLY A 217 -8.56 0.00 -17.64
N VAL A 218 -7.73 -0.96 -17.22
CA VAL A 218 -7.07 -1.90 -18.17
C VAL A 218 -7.52 -3.35 -17.93
N GLY A 219 -8.59 -3.55 -17.15
CA GLY A 219 -9.22 -4.86 -16.95
C GLY A 219 -8.48 -5.78 -16.02
N LEU A 220 -7.58 -5.22 -15.19
CA LEU A 220 -6.96 -5.99 -14.08
C LEU A 220 -7.75 -5.75 -12.79
N LEU A 221 -7.49 -6.53 -11.74
CA LEU A 221 -8.01 -6.16 -10.40
C LEU A 221 -7.26 -4.90 -10.00
N TYR A 222 -7.99 -3.90 -9.54
CA TYR A 222 -7.44 -2.56 -9.19
C TYR A 222 -6.61 -2.65 -7.90
N PHE A 223 -5.44 -2.05 -7.90
CA PHE A 223 -4.53 -2.18 -6.73
C PHE A 223 -5.28 -1.73 -5.47
N ALA A 224 -6.11 -0.71 -5.52
CA ALA A 224 -6.74 -0.17 -4.28
C ALA A 224 -7.81 -1.17 -3.80
N SER A 225 -8.39 -1.97 -4.70
CA SER A 225 -9.41 -2.99 -4.35
CA SER A 225 -9.43 -2.96 -4.31
C SER A 225 -8.80 -4.06 -3.44
N TYR A 226 -7.49 -4.26 -3.51
CA TYR A 226 -6.85 -5.27 -2.65
C TYR A 226 -6.96 -4.80 -1.19
N PHE A 227 -6.83 -3.51 -0.97
CA PHE A 227 -7.05 -2.94 0.38
C PHE A 227 -8.51 -3.09 0.83
N SER A 228 -9.49 -2.91 -0.05
CA SER A 228 -10.93 -3.16 0.24
C SER A 228 -11.10 -4.64 0.61
N MET A 229 -10.48 -5.55 -0.15
CA MET A 229 -10.69 -7.02 0.12
C MET A 229 -10.09 -7.36 1.47
N VAL A 230 -8.93 -6.80 1.80
CA VAL A 230 -8.29 -7.11 3.10
C VAL A 230 -9.20 -6.58 4.21
N ASP A 231 -9.78 -5.40 4.06
CA ASP A 231 -10.69 -4.88 5.11
C ASP A 231 -11.97 -5.71 5.20
N LYS A 232 -12.48 -6.24 4.11
CA LYS A 232 -13.64 -7.17 4.15
C LYS A 232 -13.28 -8.35 5.06
N ALA A 233 -12.12 -8.98 4.83
CA ALA A 233 -11.63 -10.08 5.70
C ALA A 233 -11.53 -9.59 7.15
N ALA A 234 -10.88 -8.45 7.39
CA ALA A 234 -10.65 -7.89 8.75
C ALA A 234 -12.02 -7.67 9.41
N LEU A 235 -13.01 -7.13 8.69
CA LEU A 235 -14.38 -6.89 9.25
C LEU A 235 -14.99 -8.24 9.65
N ALA A 236 -14.89 -9.25 8.78
CA ALA A 236 -15.47 -10.59 9.05
C ALA A 236 -14.86 -11.16 10.34
N LEU A 237 -13.54 -11.04 10.52
CA LEU A 237 -12.86 -11.50 11.78
C LEU A 237 -13.33 -10.68 13.00
N TRP A 238 -13.40 -9.35 12.87
CA TRP A 238 -13.91 -8.39 13.89
C TRP A 238 -15.30 -8.85 14.38
N ARG A 239 -16.18 -9.19 13.45
CA ARG A 239 -17.56 -9.66 13.73
C ARG A 239 -17.52 -11.06 14.36
N ARG A 240 -16.62 -11.93 13.91
CA ARG A 240 -16.44 -13.29 14.51
C ARG A 240 -16.04 -13.09 15.98
N LEU A 241 -15.32 -12.03 16.32
CA LEU A 241 -14.87 -11.69 17.70
C LEU A 241 -15.99 -11.03 18.52
N GLY A 242 -17.19 -10.86 17.95
CA GLY A 242 -18.35 -10.24 18.62
C GLY A 242 -18.26 -8.72 18.69
N ARG A 243 -17.35 -8.08 17.94
CA ARG A 243 -17.15 -6.62 18.02
C ARG A 243 -18.13 -5.92 17.08
N SER A 244 -18.37 -4.62 17.29
CA SER A 244 -19.48 -3.85 16.64
C SER A 244 -18.99 -3.21 15.33
N ASP A 245 -19.90 -3.09 14.36
CA ASP A 245 -19.60 -2.39 13.08
C ASP A 245 -19.18 -0.95 13.37
N ARG A 246 -19.83 -0.26 14.32
CA ARG A 246 -19.43 1.15 14.65
C ARG A 246 -18.03 1.17 15.25
N ALA A 247 -17.60 0.12 15.96
CA ALA A 247 -16.24 0.09 16.58
C ALA A 247 -15.18 -0.12 15.50
N PHE A 248 -15.52 -0.90 14.48
CA PHE A 248 -14.67 -1.13 13.29
C PHE A 248 -14.30 0.23 12.68
N LEU A 249 -15.22 1.20 12.66
CA LEU A 249 -14.94 2.51 12.01
C LEU A 249 -14.05 3.41 12.89
N ARG A 250 -13.83 3.06 14.17
CA ARG A 250 -12.91 3.80 15.09
C ARG A 250 -11.49 3.20 15.08
N ARG A 251 -11.26 2.06 14.43
CA ARG A 251 -9.91 1.44 14.35
C ARG A 251 -8.85 2.39 13.80
N VAL A 252 -7.69 2.42 14.45
CA VAL A 252 -6.51 3.20 14.01
C VAL A 252 -5.48 2.22 13.44
N VAL A 253 -5.24 2.27 12.12
CA VAL A 253 -4.21 1.44 11.48
C VAL A 253 -2.90 2.23 11.47
N VAL A 254 -2.00 1.95 12.41
CA VAL A 254 -0.73 2.71 12.54
C VAL A 254 0.29 2.22 11.51
N ASP A 255 0.10 1.01 10.96
CA ASP A 255 1.06 0.44 9.99
C ASP A 255 0.29 -0.56 9.15
N GLN A 256 0.36 -0.43 7.83
CA GLN A 256 -0.20 -1.51 6.99
C GLN A 256 0.80 -1.79 5.87
N GLN A 257 1.03 -3.08 5.61
CA GLN A 257 1.91 -3.56 4.53
C GLN A 257 1.07 -4.47 3.63
N MET A 258 1.31 -4.37 2.31
CA MET A 258 0.56 -5.16 1.32
C MET A 258 1.59 -5.66 0.31
N CYS A 259 1.56 -6.94 -0.04
CA CYS A 259 2.36 -7.45 -1.18
C CYS A 259 1.38 -8.04 -2.19
N TYR A 260 1.47 -7.58 -3.44
CA TYR A 260 0.65 -7.99 -4.57
C TYR A 260 1.41 -9.08 -5.36
N LEU A 261 1.18 -10.32 -5.00
CA LEU A 261 1.90 -11.50 -5.57
CA LEU A 261 1.90 -11.49 -5.58
C LEU A 261 1.31 -11.89 -6.93
N GLY A 262 0.03 -11.60 -7.17
CA GLY A 262 -0.63 -11.91 -8.46
C GLY A 262 -1.85 -11.04 -8.64
N ASN A 263 -2.32 -10.98 -9.87
CA ASN A 263 -3.62 -10.43 -10.25
C ASN A 263 -4.54 -11.64 -10.47
N ALA A 264 -5.71 -11.43 -11.01
CA ALA A 264 -6.64 -12.57 -11.21
C ALA A 264 -7.61 -12.25 -12.35
N ASP A 265 -8.04 -13.28 -13.05
CA ASP A 265 -9.07 -13.13 -14.07
C ASP A 265 -10.40 -12.67 -13.44
N LEU A 266 -11.22 -11.98 -14.23
CA LEU A 266 -12.42 -11.30 -13.69
C LEU A 266 -13.57 -12.27 -13.36
N ASP A 267 -13.48 -13.56 -13.73
CA ASP A 267 -14.45 -14.58 -13.28
C ASP A 267 -13.94 -15.35 -12.06
N SER A 268 -12.82 -14.96 -11.47
CA SER A 268 -12.26 -15.71 -10.32
C SER A 268 -13.16 -15.61 -9.08
N VAL A 269 -13.10 -16.65 -8.27
CA VAL A 269 -13.59 -16.62 -6.88
C VAL A 269 -12.37 -16.70 -5.97
N LEU A 270 -12.13 -15.62 -5.23
CA LEU A 270 -11.00 -15.48 -4.32
C LEU A 270 -11.42 -15.90 -2.92
N THR A 271 -10.42 -16.23 -2.11
CA THR A 271 -10.61 -16.58 -0.71
C THR A 271 -9.83 -15.58 0.13
N LEU A 272 -10.47 -14.98 1.12
CA LEU A 272 -9.82 -13.98 2.00
C LEU A 272 -9.70 -14.62 3.38
N GLY A 273 -8.47 -14.90 3.82
CA GLY A 273 -8.18 -15.56 5.10
C GLY A 273 -7.63 -14.57 6.09
N ALA A 274 -8.16 -14.50 7.31
CA ALA A 274 -7.64 -13.54 8.29
C ALA A 274 -7.45 -14.19 9.66
N ARG A 275 -6.39 -13.76 10.33
CA ARG A 275 -6.05 -14.20 11.70
C ARG A 275 -5.60 -12.99 12.49
N VAL A 276 -5.62 -13.06 13.81
CA VAL A 276 -5.17 -11.90 14.61
C VAL A 276 -4.33 -12.35 15.81
N ARG A 277 -3.36 -11.52 16.14
CA ARG A 277 -2.53 -11.59 17.40
C ARG A 277 -2.83 -10.36 18.23
N VAL A 278 -3.28 -10.54 19.48
CA VAL A 278 -3.55 -9.41 20.41
C VAL A 278 -2.30 -9.22 21.27
N SER A 279 -2.02 -7.97 21.60
CA SER A 279 -0.82 -7.59 22.40
C SER A 279 -1.03 -8.18 23.80
N THR A 280 0.04 -8.67 24.42
CA THR A 280 0.07 -9.03 25.86
C THR A 280 0.33 -7.75 26.66
N GLU A 281 1.05 -6.78 26.09
CA GLU A 281 1.52 -5.54 26.76
C GLU A 281 0.40 -4.49 26.73
N THR A 282 0.08 -3.96 25.53
CA THR A 282 -0.84 -2.80 25.36
C THR A 282 -2.25 -3.31 25.06
N PRO A 283 -3.27 -3.00 25.88
CA PRO A 283 -4.65 -3.38 25.57
C PRO A 283 -5.13 -2.62 24.32
N GLY A 284 -5.99 -3.24 23.52
CA GLY A 284 -6.54 -2.67 22.28
C GLY A 284 -5.52 -2.55 21.15
N GLU A 285 -4.36 -3.19 21.25
CA GLU A 285 -3.36 -3.26 20.14
C GLU A 285 -3.36 -4.66 19.57
N GLU A 286 -3.39 -4.79 18.24
CA GLU A 286 -3.34 -6.15 17.65
C GLU A 286 -2.73 -6.11 16.25
N LEU A 287 -2.35 -7.29 15.77
CA LEU A 287 -1.76 -7.47 14.42
C LEU A 287 -2.71 -8.35 13.64
N VAL A 288 -3.27 -7.84 12.55
CA VAL A 288 -4.18 -8.68 11.74
C VAL A 288 -3.44 -9.08 10.45
N ASP A 289 -3.48 -10.37 10.10
CA ASP A 289 -2.85 -10.84 8.85
C ASP A 289 -3.95 -11.32 7.92
N VAL A 290 -3.87 -10.94 6.65
CA VAL A 290 -4.83 -11.36 5.62
C VAL A 290 -4.06 -11.91 4.44
N VAL A 291 -4.47 -13.10 3.99
CA VAL A 291 -3.94 -13.73 2.76
C VAL A 291 -5.09 -13.85 1.79
N ILE A 292 -4.89 -13.37 0.56
CA ILE A 292 -5.85 -13.55 -0.54
C ILE A 292 -5.36 -14.67 -1.43
N SER A 293 -6.17 -15.72 -1.56
CA SER A 293 -5.86 -16.88 -2.41
C SER A 293 -6.76 -16.91 -3.63
N ASP A 294 -6.28 -17.55 -4.70
CA ASP A 294 -7.10 -17.91 -5.87
C ASP A 294 -7.09 -19.44 -5.95
N ARG A 295 -8.06 -20.09 -5.32
CA ARG A 295 -7.96 -21.56 -5.11
C ARG A 295 -7.83 -22.28 -6.44
N ASP A 296 -8.61 -21.89 -7.45
CA ASP A 296 -8.69 -22.60 -8.75
C ASP A 296 -7.33 -22.60 -9.45
N SER A 297 -6.47 -21.59 -9.26
CA SER A 297 -5.14 -21.59 -9.91
C SER A 297 -4.05 -22.00 -8.93
N GLY A 298 -4.40 -22.27 -7.67
CA GLY A 298 -3.47 -22.64 -6.59
C GLY A 298 -2.45 -21.56 -6.28
N ARG A 299 -2.82 -20.29 -6.47
CA ARG A 299 -1.92 -19.14 -6.16
C ARG A 299 -2.35 -18.32 -4.94
N VAL A 300 -1.38 -17.90 -4.13
CA VAL A 300 -1.54 -16.82 -3.13
C VAL A 300 -1.33 -15.54 -3.95
N ILE A 301 -2.30 -14.62 -3.96
CA ILE A 301 -2.13 -13.40 -4.83
C ILE A 301 -1.91 -12.17 -3.95
N ALA A 302 -2.14 -12.23 -2.64
CA ALA A 302 -1.72 -11.10 -1.78
C ALA A 302 -1.54 -11.50 -0.31
N VAL A 303 -0.67 -10.74 0.35
CA VAL A 303 -0.46 -10.83 1.82
C VAL A 303 -0.53 -9.39 2.35
N SER A 304 -1.24 -9.21 3.47
CA SER A 304 -1.28 -7.90 4.17
C SER A 304 -1.19 -8.11 5.68
N THR A 305 -0.48 -7.22 6.35
CA THR A 305 -0.47 -7.16 7.82
C THR A 305 -0.88 -5.73 8.23
N LEU A 306 -1.82 -5.65 9.16
CA LEU A 306 -2.30 -4.38 9.76
C LEU A 306 -1.95 -4.35 11.24
N HIS A 307 -1.11 -3.41 11.61
CA HIS A 307 -0.81 -3.08 13.04
C HIS A 307 -1.89 -2.09 13.48
N THR A 308 -2.81 -2.50 14.37
CA THR A 308 -4.04 -1.74 14.67
C THR A 308 -4.12 -1.40 16.16
N GLN A 309 -4.61 -0.20 16.48
CA GLN A 309 -5.06 0.22 17.84
C GLN A 309 -6.58 0.41 17.77
N HIS A 310 -7.33 -0.15 18.73
CA HIS A 310 -8.80 0.04 18.76
C HIS A 310 -9.22 0.34 20.20
N ASP A 311 -10.52 0.56 20.39
CA ASP A 311 -11.15 0.86 21.70
C ASP A 311 -12.52 0.18 21.72
N ALA A 312 -12.60 -1.05 21.20
CA ALA A 312 -13.86 -1.82 21.05
C ALA A 312 -14.29 -2.40 22.41
O5' KGA B . 9.20 -12.89 -12.80
P1 KGA B . 9.06 -13.62 -11.42
O11 KGA B . 10.16 -14.53 -11.14
O12 KGA B . 9.01 -12.65 -10.34
O6 KGA B . 7.64 -14.25 -11.41
P2 KGA B . 6.55 -13.68 -10.45
O21 KGA B . 5.55 -14.77 -10.47
O22 KGA B . 6.94 -13.39 -9.07
O7 KGA B . 5.89 -12.37 -11.04
CPB KGA B . 6.18 -11.07 -10.59
CPA KGA B . 4.92 -10.27 -10.86
CP9 KGA B . 4.56 -10.39 -12.32
CP8 KGA B . 5.20 -8.82 -10.56
CP7 KGA B . 3.79 -10.83 -10.02
OP3 KGA B . 4.20 -10.82 -8.67
CP6 KGA B . 2.50 -10.08 -10.21
OP2 KGA B . 1.86 -10.22 -11.18
NP2 KGA B . 2.12 -9.32 -9.23
CP5 KGA B . 0.82 -8.83 -9.21
CP4 KGA B . 0.68 -7.29 -9.42
CP3 KGA B . -0.64 -6.47 -9.43
CP3 KGA B . -0.51 -6.79 -9.08
OP1 KGA B . -1.52 -6.99 -10.03
OP1 KGA B . -1.42 -7.37 -9.65
NP1 KGA B . -0.70 -5.36 -8.74
NP1 KGA B . -0.68 -5.60 -8.47
CP2 KGA B . -1.97 -4.67 -8.68
CP2 KGA B . -2.01 -4.92 -8.40
CP1 KGA B . -2.45 -4.47 -10.10
CP1 KGA B . -2.32 -4.12 -9.68
O KGA B . -2.89 -3.17 -10.27
O KGA B . -1.54 -2.92 -9.59
CS1 KGA B . -2.00 -2.09 -10.48
CS1 KGA B . -1.41 -1.83 -10.58
OS1 KGA B . -0.85 -2.23 -10.25
OS1 KGA B . -0.88 -0.75 -10.35
CS2 KGA B . -2.52 -0.79 -11.00
CS2 KGA B . -1.91 -1.98 -11.95
CS3 KGA B . -1.56 0.23 -11.55
CS3 KGA B . -1.77 -0.83 -12.89
NS4 KGA B . -3.96 -0.50 -10.98
NS4 KGA B . -2.90 -2.96 -12.21
OS5 KGA B . -4.36 0.57 -11.42
OS5 KGA B . -3.21 -3.74 -11.29
OS4 KGA B . -4.77 -1.30 -10.53
OS4 KGA B . -3.44 -2.98 -13.34
S SO4 C . 11.93 -10.96 -6.44
O1 SO4 C . 12.39 -11.47 -7.71
O2 SO4 C . 12.40 -11.80 -5.37
O3 SO4 C . 12.44 -9.63 -6.26
O4 SO4 C . 10.48 -10.97 -6.44
S SO4 D . -18.80 -0.30 20.85
O1 SO4 D . -19.41 -1.50 20.35
O2 SO4 D . -17.43 -0.56 21.20
O3 SO4 D . -18.88 0.76 19.88
O4 SO4 D . -19.50 0.12 22.04
S SO4 E . 18.41 -5.86 -2.78
O1 SO4 E . 18.17 -7.14 -2.19
O2 SO4 E . 19.64 -5.30 -2.27
O3 SO4 E . 17.34 -4.97 -2.46
O4 SO4 E . 18.51 -6.02 -4.22
S SO4 F . -6.73 15.87 -10.38
O1 SO4 F . -5.50 16.48 -10.75
O2 SO4 F . -6.47 14.87 -9.36
O3 SO4 F . -7.36 15.21 -11.54
O4 SO4 F . -7.61 16.87 -9.85
S SO4 G . -19.74 -8.18 -0.29
O1 SO4 G . -19.97 -9.55 -0.65
O2 SO4 G . -18.48 -7.77 -0.82
O3 SO4 G . -20.79 -7.36 -0.82
O4 SO4 G . -19.71 -8.07 1.14
S SO4 H . 13.39 -7.13 -10.86
O1 SO4 H . 13.37 -8.11 -9.79
O2 SO4 H . 14.62 -7.27 -11.61
O3 SO4 H . 12.27 -7.36 -11.76
O4 SO4 H . 13.31 -5.79 -10.28
S SO4 I . -13.39 1.02 -2.10
O1 SO4 I . -12.46 0.17 -2.82
O2 SO4 I . -13.08 1.03 -0.69
O3 SO4 I . -14.72 0.48 -2.30
O4 SO4 I . -13.33 2.36 -2.61
C1 PEG J . -6.53 -27.14 -7.47
O1 PEG J . -7.64 -27.88 -7.92
C2 PEG J . -5.39 -27.25 -8.40
O2 PEG J . -4.42 -26.24 -8.14
C3 PEG J . -3.75 -25.77 -9.31
C4 PEG J . -2.25 -25.87 -9.12
O4 PEG J . -1.52 -25.26 -10.17
C1 PGE K . -0.53 16.98 -5.12
O1 PGE K . -1.21 17.80 -6.06
C2 PGE K . 0.50 16.16 -5.77
O2 PGE K . 0.84 15.03 -4.98
C3 PGE K . 2.21 14.67 -5.11
C4 PGE K . 2.58 14.06 -6.44
O4 PGE K . 3.13 16.05 -9.81
C6 PGE K . 4.26 15.27 -9.47
C5 PGE K . 4.22 14.68 -8.07
O3 PGE K . 3.04 15.04 -7.38
#